data_4FWV
#
_entry.id   4FWV
#
_cell.length_a   147.683
_cell.length_b   147.683
_cell.length_c   163.851
_cell.angle_alpha   90.00
_cell.angle_beta   90.00
_cell.angle_gamma   120.00
#
_symmetry.space_group_name_H-M   'H 3 2'
#
loop_
_entity.id
_entity.type
_entity.pdbx_description
1 polymer 'TTC1975 peptidase'
2 non-polymer 'SULFATE ION'
3 water water
#
_entity_poly.entity_id   1
_entity_poly.type   'polypeptide(L)'
_entity_poly.pdbx_seq_one_letter_code
;GQAREALELAIRGGFHAYLVGPPSLGKHEALLAYLSTQSVETPPDLLYVPLSERKVAV(MSE)TLPSGQEIHLAEAVEGL
LLEVNRLDELFRQGSFLREKTQLEARFKEAREQQLEALRREAQEAGFALSTNGERLELTGPGPVPAELSARLEEVTLGS
(MSE)AASAELEVALRRLRRDWALHYLNNRFEPLFQRFPQARAYLEALRARLARYAETGEPLDPAQWRPNLLTSSSSGTP
PPIVYEPYATAPRLFGRLDYLVDRGVWSTNVSLIRPGAVHRAQGGYLILDALSLKREGTWEAFKRALRNGQVEPVTEPQA
PAGLEVEPFPIQ(MSE)QV(MSE)LVGTPEAFEGLEEDPAFSELFRIRAEFS
;
_entity_poly.pdbx_strand_id   A
#
loop_
_chem_comp.id
_chem_comp.type
_chem_comp.name
_chem_comp.formula
SO4 non-polymer 'SULFATE ION' 'O4 S -2'
#
# COMPACT_ATOMS: atom_id res chain seq x y z
N ALA A 3 -14.97 21.09 -35.38
CA ALA A 3 -15.96 20.19 -34.74
C ALA A 3 -15.29 18.83 -34.55
N ARG A 4 -15.62 17.88 -35.45
CA ARG A 4 -14.96 16.57 -35.50
C ARG A 4 -13.47 16.71 -35.74
N GLU A 5 -13.10 17.68 -36.57
CA GLU A 5 -11.68 17.94 -36.87
C GLU A 5 -10.91 18.38 -35.62
N ALA A 6 -11.47 19.32 -34.87
CA ALA A 6 -10.85 19.79 -33.63
C ALA A 6 -10.72 18.64 -32.64
N LEU A 7 -11.74 17.80 -32.59
CA LEU A 7 -11.75 16.64 -31.73
C LEU A 7 -10.68 15.62 -32.13
N GLU A 8 -10.65 15.25 -33.42
CA GLU A 8 -9.57 14.39 -33.97
C GLU A 8 -8.21 14.97 -33.65
N LEU A 9 -8.08 16.29 -33.84
CA LEU A 9 -6.85 16.99 -33.50
C LEU A 9 -6.48 16.78 -32.04
N ALA A 10 -7.47 16.93 -31.14
CA ALA A 10 -7.25 16.70 -29.72
C ALA A 10 -6.82 15.27 -29.43
N ILE A 11 -7.52 14.33 -30.04
CA ILE A 11 -7.19 12.93 -29.86
C ILE A 11 -5.76 12.63 -30.36
N ARG A 12 -5.45 13.07 -31.57
CA ARG A 12 -4.16 12.73 -32.18
C ARG A 12 -3.01 13.44 -31.48
N GLY A 13 -3.22 14.71 -31.14
CA GLY A 13 -2.24 15.43 -30.33
C GLY A 13 -2.30 14.89 -28.93
N GLY A 14 -1.42 15.34 -28.06
CA GLY A 14 -1.62 14.90 -26.66
C GLY A 14 -2.82 15.50 -25.88
N PHE A 15 -3.67 16.30 -26.51
CA PHE A 15 -4.31 17.44 -25.82
C PHE A 15 -5.56 17.23 -24.96
N HIS A 16 -5.56 17.85 -23.79
CA HIS A 16 -6.81 18.17 -23.09
C HIS A 16 -7.66 19.11 -23.92
N ALA A 17 -8.94 18.84 -23.99
CA ALA A 17 -9.84 19.63 -24.84
C ALA A 17 -11.09 20.01 -24.09
N TYR A 18 -11.88 20.86 -24.72
CA TYR A 18 -13.24 21.10 -24.25
C TYR A 18 -14.22 21.18 -25.39
N LEU A 19 -15.34 20.50 -25.17
CA LEU A 19 -16.36 20.38 -26.16
C LEU A 19 -17.51 21.32 -25.77
N VAL A 20 -17.84 22.21 -26.69
CA VAL A 20 -18.88 23.23 -26.49
C VAL A 20 -20.06 22.86 -27.37
N GLY A 21 -21.25 22.80 -26.78
CA GLY A 21 -22.46 22.39 -27.52
C GLY A 21 -23.75 23.09 -27.10
N PRO A 22 -24.86 22.78 -27.80
CA PRO A 22 -26.14 23.40 -27.45
C PRO A 22 -26.66 22.87 -26.11
N PRO A 23 -27.63 23.57 -25.49
CA PRO A 23 -28.26 23.17 -24.22
C PRO A 23 -28.76 21.72 -24.13
N SER A 24 -29.09 21.10 -25.26
CA SER A 24 -29.53 19.70 -25.25
C SER A 24 -28.59 18.77 -24.47
N LEU A 25 -29.18 17.80 -23.76
CA LEU A 25 -28.41 16.93 -22.89
C LEU A 25 -27.96 15.64 -23.58
N GLY A 26 -27.10 14.87 -22.92
CA GLY A 26 -26.54 13.66 -23.52
C GLY A 26 -25.38 13.91 -24.50
N LYS A 27 -24.80 15.12 -24.50
CA LYS A 27 -23.60 15.38 -25.29
C LYS A 27 -22.48 14.46 -24.88
N HIS A 28 -22.43 14.12 -23.60
CA HIS A 28 -21.47 13.16 -23.08
C HIS A 28 -21.63 11.81 -23.67
N GLU A 29 -22.87 11.40 -23.92
CA GLU A 29 -23.15 10.01 -24.27
C GLU A 29 -22.71 9.90 -25.82
N ALA A 30 -22.73 11.01 -26.56
CA ALA A 30 -22.18 11.06 -27.95
C ALA A 30 -20.63 11.09 -28.06
N LEU A 31 -19.96 11.89 -27.22
CA LEU A 31 -18.50 11.84 -27.12
C LEU A 31 -18.01 10.45 -26.70
N LEU A 32 -18.75 9.85 -25.78
CA LEU A 32 -18.45 8.52 -25.29
C LEU A 32 -18.50 7.49 -26.42
N ALA A 33 -19.57 7.54 -27.22
CA ALA A 33 -19.77 6.60 -28.32
C ALA A 33 -18.61 6.74 -29.31
N TYR A 34 -18.26 7.99 -29.61
CA TYR A 34 -17.11 8.30 -30.44
C TYR A 34 -15.76 7.76 -29.92
N LEU A 35 -15.41 8.10 -28.68
CA LEU A 35 -14.15 7.63 -28.08
C LEU A 35 -14.11 6.12 -27.99
N SER A 36 -15.25 5.48 -27.76
CA SER A 36 -15.23 4.02 -27.59
C SER A 36 -15.02 3.24 -28.90
N THR A 37 -14.97 3.95 -30.04
CA THR A 37 -14.50 3.36 -31.32
C THR A 37 -12.99 3.51 -31.53
N GLN A 38 -12.33 4.40 -30.79
CA GLN A 38 -10.88 4.59 -30.93
C GLN A 38 -10.12 3.44 -30.26
N SER A 39 -8.82 3.57 -30.22
CA SER A 39 -8.05 2.67 -29.40
C SER A 39 -6.82 3.45 -28.95
N VAL A 40 -6.24 3.04 -27.84
CA VAL A 40 -5.06 3.76 -27.38
C VAL A 40 -3.98 2.74 -27.17
N GLU A 41 -2.76 3.22 -27.03
CA GLU A 41 -1.61 2.45 -26.55
C GLU A 41 -2.00 1.66 -25.29
N THR A 42 -1.54 0.42 -25.19
CA THR A 42 -1.88 -0.42 -24.05
C THR A 42 -1.48 0.26 -22.73
N PRO A 43 -2.43 0.44 -21.81
CA PRO A 43 -2.02 1.04 -20.53
C PRO A 43 -1.47 0.03 -19.54
N PRO A 44 -0.40 0.40 -18.84
CA PRO A 44 0.11 -0.44 -17.75
C PRO A 44 -0.97 -0.55 -16.64
N ASP A 45 -0.88 -1.53 -15.76
CA ASP A 45 -1.69 -1.51 -14.54
C ASP A 45 -1.03 -0.56 -13.52
N LEU A 46 -1.73 0.51 -13.14
CA LEU A 46 -1.27 1.36 -12.01
C LEU A 46 -2.08 1.04 -10.79
N LEU A 47 -1.41 0.74 -9.69
CA LEU A 47 -2.12 0.32 -8.47
C LEU A 47 -1.40 0.74 -7.19
N TYR A 48 -2.09 0.65 -6.06
CA TYR A 48 -1.51 0.96 -4.75
C TYR A 48 -1.12 -0.27 -4.02
N VAL A 49 0.11 -0.27 -3.50
CA VAL A 49 0.53 -1.36 -2.62
C VAL A 49 1.12 -0.84 -1.31
N PRO A 50 0.95 -1.62 -0.23
CA PRO A 50 1.47 -1.23 1.07
C PRO A 50 2.93 -1.68 1.25
N LEU A 51 3.84 -0.75 1.50
CA LEU A 51 5.21 -1.14 1.88
C LEU A 51 5.30 -1.37 3.38
N SER A 52 4.31 -0.89 4.10
CA SER A 52 4.18 -1.22 5.52
C SER A 52 2.71 -1.00 5.85
N GLU A 53 2.34 -1.19 7.11
CA GLU A 53 0.99 -0.90 7.60
C GLU A 53 0.60 0.55 7.40
N ARG A 54 1.59 1.43 7.33
CA ARG A 54 1.30 2.86 7.25
C ARG A 54 1.68 3.48 5.89
N LYS A 55 2.60 2.87 5.17
CA LYS A 55 3.13 3.48 3.96
C LYS A 55 2.59 2.80 2.66
N VAL A 56 2.08 3.61 1.73
CA VAL A 56 1.47 3.09 0.52
C VAL A 56 2.17 3.68 -0.68
N ALA A 57 2.66 2.81 -1.58
CA ALA A 57 3.28 3.22 -2.81
C ALA A 57 2.44 2.86 -4.04
N VAL A 58 2.77 3.57 -5.13
CA VAL A 58 2.28 3.31 -6.46
C VAL A 58 3.14 2.27 -7.16
N MSE A 59 2.47 1.30 -7.76
CA MSE A 59 3.16 0.31 -8.54
C MSE A 59 2.66 0.32 -9.95
O MSE A 59 1.47 0.52 -10.19
CB MSE A 59 2.86 -1.06 -7.96
CG MSE A 59 3.83 -2.01 -8.66
SE MSE A 59 3.52 -3.78 -7.89
CE MSE A 59 4.61 -3.40 -6.29
N THR A 60 3.61 0.10 -10.86
CA THR A 60 3.35 -0.02 -12.29
C THR A 60 3.70 -1.44 -12.73
N LEU A 61 2.73 -2.10 -13.36
CA LEU A 61 2.91 -3.44 -13.85
C LEU A 61 2.54 -3.48 -15.34
N PRO A 62 3.12 -4.43 -16.11
CA PRO A 62 2.63 -4.63 -17.48
C PRO A 62 1.15 -5.02 -17.48
N SER A 63 0.42 -4.52 -18.49
CA SER A 63 -1.02 -4.68 -18.55
C SER A 63 -1.46 -6.15 -18.41
N GLY A 64 -2.30 -6.40 -17.42
CA GLY A 64 -2.76 -7.75 -17.13
C GLY A 64 -2.07 -8.46 -15.98
N GLN A 65 -0.90 -7.97 -15.54
CA GLN A 65 -0.10 -8.71 -14.54
C GLN A 65 -0.59 -8.56 -13.08
N GLU A 66 -1.44 -7.56 -12.82
CA GLU A 66 -1.83 -7.22 -11.44
C GLU A 66 -2.74 -8.25 -10.80
N ILE A 67 -3.65 -8.79 -11.59
CA ILE A 67 -4.47 -9.92 -11.16
C ILE A 67 -3.57 -11.09 -10.67
N HIS A 68 -2.47 -11.34 -11.36
CA HIS A 68 -1.59 -12.46 -11.05
C HIS A 68 -0.78 -12.21 -9.79
N LEU A 69 -0.31 -10.98 -9.60
CA LEU A 69 0.35 -10.58 -8.34
C LEU A 69 -0.58 -10.71 -7.13
N ALA A 70 -1.80 -10.21 -7.29
CA ALA A 70 -2.82 -10.32 -6.26
C ALA A 70 -3.11 -11.78 -5.86
N GLU A 71 -3.19 -12.66 -6.85
CA GLU A 71 -3.37 -14.08 -6.59
C GLU A 71 -2.14 -14.63 -5.84
N ALA A 72 -0.94 -14.24 -6.28
CA ALA A 72 0.31 -14.65 -5.60
C ALA A 72 0.37 -14.17 -4.14
N VAL A 73 -0.14 -12.97 -3.89
CA VAL A 73 -0.15 -12.39 -2.55
C VAL A 73 -1.11 -13.16 -1.62
N GLU A 74 -2.28 -13.53 -2.11
CA GLU A 74 -3.18 -14.40 -1.34
C GLU A 74 -2.49 -15.67 -0.90
N GLY A 75 -1.68 -16.27 -1.78
CA GLY A 75 -0.89 -17.44 -1.40
C GLY A 75 0.16 -17.16 -0.33
N LEU A 76 0.83 -16.01 -0.44
CA LEU A 76 1.85 -15.63 0.54
C LEU A 76 1.24 -15.42 1.93
N LEU A 77 0.02 -14.90 1.99
CA LEU A 77 -0.64 -14.68 3.28
C LEU A 77 -0.89 -15.98 4.02
N LEU A 78 -1.21 -17.04 3.27
CA LEU A 78 -1.48 -18.35 3.88
C LEU A 78 -0.20 -19.06 4.32
N GLU A 79 0.95 -18.50 3.96
CA GLU A 79 2.25 -19.07 4.31
C GLU A 79 2.49 -19.11 5.85
N VAL A 80 1.67 -18.38 6.60
CA VAL A 80 1.75 -18.41 8.06
C VAL A 80 1.45 -19.80 8.61
N ASN A 81 0.54 -20.51 7.95
CA ASN A 81 0.23 -21.92 8.28
C ASN A 81 1.38 -22.87 8.02
N ARG A 82 2.14 -22.59 6.97
CA ARG A 82 3.32 -23.38 6.65
C ARG A 82 4.44 -23.13 7.64
N LEU A 83 4.54 -21.88 8.12
CA LEU A 83 5.57 -21.53 9.10
C LEU A 83 5.31 -22.20 10.42
N ASP A 84 4.04 -22.28 10.81
CA ASP A 84 3.60 -23.01 11.99
C ASP A 84 4.07 -24.48 11.96
N GLU A 85 3.80 -25.17 10.84
CA GLU A 85 4.21 -26.57 10.66
C GLU A 85 5.73 -26.70 10.69
N LEU A 86 6.43 -25.74 10.08
CA LEU A 86 7.86 -25.74 10.12
C LEU A 86 8.43 -25.80 11.56
N PHE A 87 7.77 -25.13 12.50
CA PHE A 87 8.30 -25.09 13.87
C PHE A 87 7.87 -26.29 14.75
N ARG A 88 7.07 -27.18 14.15
CA ARG A 88 6.77 -28.49 14.71
C ARG A 88 7.74 -29.58 14.24
N GLN A 89 8.70 -29.23 13.39
CA GLN A 89 9.67 -30.21 12.88
C GLN A 89 10.78 -30.48 13.88
N GLY A 90 11.06 -31.77 14.08
CA GLY A 90 12.12 -32.25 14.96
C GLY A 90 13.50 -31.63 14.75
N SER A 91 13.87 -31.42 13.49
CA SER A 91 15.17 -30.80 13.17
C SER A 91 15.30 -29.37 13.75
N PHE A 92 14.16 -28.68 13.82
CA PHE A 92 14.10 -27.33 14.38
C PHE A 92 14.03 -27.36 15.91
N LEU A 93 13.17 -28.21 16.44
CA LEU A 93 13.08 -28.41 17.88
C LEU A 93 14.41 -28.80 18.53
N ARG A 94 15.25 -29.50 17.79
CA ARG A 94 16.57 -29.94 18.26
C ARG A 94 17.57 -28.80 18.29
N GLU A 95 17.58 -27.97 17.25
CA GLU A 95 18.41 -26.77 17.28
C GLU A 95 17.97 -25.88 18.44
N LYS A 96 16.68 -25.95 18.75
CA LYS A 96 16.05 -25.07 19.71
C LYS A 96 16.40 -25.46 21.16
N THR A 97 16.21 -26.74 21.51
CA THR A 97 16.53 -27.19 22.85
C THR A 97 18.05 -27.15 23.04
N GLN A 98 18.79 -27.44 21.98
CA GLN A 98 20.25 -27.38 21.97
C GLN A 98 20.76 -26.06 22.53
N LEU A 99 20.22 -24.94 22.06
CA LEU A 99 20.66 -23.66 22.60
C LEU A 99 19.95 -23.29 23.91
N GLU A 100 18.83 -23.94 24.22
CA GLU A 100 18.20 -23.78 25.52
C GLU A 100 19.12 -24.34 26.62
N ALA A 101 19.59 -25.57 26.40
CA ALA A 101 20.58 -26.21 27.27
C ALA A 101 21.85 -25.37 27.44
N ARG A 102 22.33 -24.77 26.35
CA ARG A 102 23.49 -23.85 26.41
C ARG A 102 23.30 -22.72 27.43
N PHE A 103 22.07 -22.23 27.57
CA PHE A 103 21.70 -21.17 28.51
C PHE A 103 21.29 -21.66 29.90
N LYS A 104 20.78 -22.90 29.98
CA LYS A 104 20.55 -23.55 31.27
C LYS A 104 21.92 -23.80 31.93
N GLU A 105 22.82 -24.44 31.19
CA GLU A 105 24.20 -24.70 31.60
C GLU A 105 24.87 -23.49 32.27
N ALA A 106 24.87 -22.36 31.58
CA ALA A 106 25.49 -21.12 32.06
C ALA A 106 24.86 -20.59 33.35
N ARG A 107 23.53 -20.66 33.45
CA ARG A 107 22.81 -20.27 34.66
C ARG A 107 23.04 -21.28 35.81
N GLU A 108 22.91 -22.57 35.50
CA GLU A 108 22.98 -23.63 36.51
C GLU A 108 24.41 -24.14 36.77
N GLN A 109 25.40 -23.34 36.42
CA GLN A 109 26.77 -23.55 36.90
C GLN A 109 27.18 -22.40 37.80
N GLN A 110 26.86 -21.18 37.38
CA GLN A 110 27.01 -20.01 38.21
C GLN A 110 26.14 -20.10 39.47
N LEU A 111 25.10 -20.94 39.41
CA LEU A 111 24.31 -21.28 40.58
C LEU A 111 25.04 -22.24 41.51
N GLU A 112 25.80 -23.15 40.92
CA GLU A 112 26.58 -24.14 41.69
C GLU A 112 27.88 -23.55 42.20
N ALA A 113 28.35 -22.49 41.56
CA ALA A 113 29.47 -21.70 42.07
C ALA A 113 28.97 -20.79 43.21
N LEU A 114 27.71 -20.36 43.11
CA LEU A 114 27.06 -19.57 44.16
C LEU A 114 26.62 -20.46 45.31
N ARG A 115 26.47 -21.75 45.06
CA ARG A 115 26.03 -22.71 46.09
C ARG A 115 27.16 -23.11 47.02
N ARG A 116 28.38 -23.20 46.48
CA ARG A 116 29.57 -23.52 47.28
C ARG A 116 29.91 -22.41 48.28
N GLU A 117 28.85 -21.80 48.82
CA GLU A 117 28.92 -20.93 49.98
C GLU A 117 28.41 -21.72 51.17
N ALA A 118 28.77 -23.01 51.20
CA ALA A 118 28.47 -23.89 52.31
C ALA A 118 29.09 -23.34 53.60
N GLN A 119 29.97 -22.34 53.44
CA GLN A 119 30.61 -21.68 54.58
C GLN A 119 29.66 -20.89 55.49
N GLU A 120 28.82 -20.02 54.90
CA GLU A 120 28.00 -19.14 55.72
C GLU A 120 26.54 -19.01 55.26
N ALA A 121 26.14 -19.78 54.25
CA ALA A 121 24.87 -19.55 53.55
C ALA A 121 23.79 -20.63 53.69
N GLY A 122 23.86 -21.66 52.83
CA GLY A 122 22.75 -22.59 52.66
C GLY A 122 21.75 -22.06 51.64
N PHE A 123 21.66 -22.76 50.51
CA PHE A 123 20.85 -22.36 49.33
C PHE A 123 19.45 -21.77 49.56
N ALA A 124 19.21 -20.59 48.99
CA ALA A 124 17.90 -19.94 49.07
C ALA A 124 17.00 -20.40 47.92
N LEU A 125 15.68 -20.36 48.16
CA LEU A 125 14.63 -20.71 47.18
C LEU A 125 13.27 -20.88 47.87
N GLY A 138 22.83 -17.82 57.77
CA GLY A 138 23.46 -16.70 58.48
C GLY A 138 22.75 -16.38 59.80
N PRO A 139 22.63 -15.08 60.14
CA PRO A 139 23.25 -13.86 59.56
C PRO A 139 24.77 -13.82 59.82
N VAL A 140 25.54 -12.91 59.20
CA VAL A 140 25.08 -11.82 58.32
C VAL A 140 25.39 -12.13 56.82
N PRO A 141 25.32 -11.11 55.92
CA PRO A 141 25.75 -11.35 54.52
C PRO A 141 27.20 -11.85 54.33
N ALA A 142 28.17 -10.92 54.33
CA ALA A 142 29.62 -11.23 54.20
C ALA A 142 30.24 -10.86 52.85
N GLU A 143 29.53 -10.06 52.07
CA GLU A 143 30.01 -9.59 50.75
C GLU A 143 29.95 -10.64 49.64
N LEU A 144 29.48 -11.85 49.97
CA LEU A 144 29.00 -12.78 48.97
C LEU A 144 27.58 -12.33 48.59
N SER A 145 27.15 -11.26 49.24
CA SER A 145 25.91 -10.56 48.96
C SER A 145 25.93 -9.97 47.54
N ALA A 146 27.08 -9.40 47.16
CA ALA A 146 27.33 -8.95 45.78
C ALA A 146 27.24 -10.10 44.76
N ARG A 147 27.82 -11.25 45.12
CA ARG A 147 27.78 -12.47 44.30
C ARG A 147 26.37 -12.93 43.95
N LEU A 148 25.45 -12.75 44.91
CA LEU A 148 24.03 -13.06 44.70
C LEU A 148 23.44 -12.20 43.60
N GLU A 149 23.84 -10.94 43.55
CA GLU A 149 23.34 -10.01 42.53
C GLU A 149 23.90 -10.31 41.14
N GLU A 150 25.21 -10.56 41.08
CA GLU A 150 25.89 -11.03 39.86
C GLU A 150 25.08 -12.11 39.17
N VAL A 151 24.72 -13.15 39.94
CA VAL A 151 23.97 -14.29 39.45
C VAL A 151 22.54 -13.91 39.01
N THR A 152 21.86 -13.12 39.81
CA THR A 152 20.52 -12.62 39.46
C THR A 152 20.54 -11.82 38.16
N LEU A 153 21.24 -10.68 38.17
CA LEU A 153 21.37 -9.81 37.01
C LEU A 153 21.82 -10.62 35.79
N GLY A 154 22.71 -11.57 36.02
CA GLY A 154 23.27 -12.42 34.98
C GLY A 154 22.29 -13.42 34.41
N SER A 155 21.37 -13.88 35.25
CA SER A 155 20.35 -14.84 34.84
C SER A 155 19.25 -14.15 34.05
N MSE A 156 18.95 -12.92 34.43
CA MSE A 156 17.99 -12.11 33.70
C MSE A 156 18.54 -11.74 32.33
O MSE A 156 17.79 -11.66 31.36
CB MSE A 156 17.70 -10.86 34.49
CG MSE A 156 16.71 -11.13 35.61
SE MSE A 156 16.99 -9.81 37.05
CE MSE A 156 16.91 -8.12 36.02
N ALA A 157 19.85 -11.48 32.26
CA ALA A 157 20.48 -11.09 31.01
C ALA A 157 20.59 -12.29 30.07
N ALA A 158 21.01 -13.43 30.62
CA ALA A 158 21.03 -14.68 29.87
C ALA A 158 19.64 -15.07 29.39
N SER A 159 18.62 -14.74 30.19
CA SER A 159 17.21 -15.00 29.86
C SER A 159 16.71 -14.17 28.67
N ALA A 160 16.97 -12.88 28.68
CA ALA A 160 16.59 -12.01 27.57
C ALA A 160 17.40 -12.36 26.33
N GLU A 161 18.66 -12.71 26.55
CA GLU A 161 19.57 -13.08 25.46
C GLU A 161 19.10 -14.36 24.78
N LEU A 162 18.43 -15.23 25.55
CA LEU A 162 17.85 -16.47 25.05
C LEU A 162 16.58 -16.25 24.23
N GLU A 163 15.66 -15.43 24.73
CA GLU A 163 14.47 -15.06 23.96
C GLU A 163 14.88 -14.51 22.58
N VAL A 164 15.83 -13.57 22.58
CA VAL A 164 16.35 -12.97 21.35
C VAL A 164 16.92 -14.02 20.40
N ALA A 165 17.69 -14.97 20.95
CA ALA A 165 18.39 -15.96 20.13
C ALA A 165 17.41 -16.96 19.50
N LEU A 166 16.33 -17.26 20.22
CA LEU A 166 15.21 -18.04 19.72
C LEU A 166 14.49 -17.32 18.58
N ARG A 167 14.21 -16.03 18.77
CA ARG A 167 13.66 -15.20 17.72
C ARG A 167 14.56 -15.26 16.51
N ARG A 168 15.86 -15.02 16.70
CA ARG A 168 16.80 -14.98 15.57
C ARG A 168 16.81 -16.35 14.90
N LEU A 169 16.69 -17.40 15.72
CA LEU A 169 16.61 -18.75 15.21
C LEU A 169 15.36 -18.99 14.36
N ARG A 170 14.20 -18.56 14.85
CA ARG A 170 12.96 -18.76 14.13
C ARG A 170 13.02 -17.97 12.82
N ARG A 171 13.49 -16.72 12.94
CA ARG A 171 13.70 -15.87 11.79
C ARG A 171 14.51 -16.55 10.69
N ASP A 172 15.69 -17.06 11.04
CA ASP A 172 16.59 -17.68 10.07
C ASP A 172 15.94 -18.89 9.37
N TRP A 173 15.28 -19.75 10.15
CA TRP A 173 14.56 -20.86 9.56
C TRP A 173 13.46 -20.36 8.65
N ALA A 174 12.74 -19.34 9.11
CA ALA A 174 11.63 -18.79 8.32
C ALA A 174 12.09 -18.27 6.96
N LEU A 175 13.22 -17.57 6.94
CA LEU A 175 13.80 -17.02 5.72
C LEU A 175 14.35 -18.07 4.77
N HIS A 176 14.87 -19.16 5.32
CA HIS A 176 15.28 -20.30 4.51
C HIS A 176 14.09 -20.79 3.71
N TYR A 177 12.99 -21.09 4.39
CA TYR A 177 11.76 -21.48 3.71
C TYR A 177 11.21 -20.40 2.75
N LEU A 178 11.14 -19.14 3.23
CA LEU A 178 10.46 -18.10 2.45
C LEU A 178 11.20 -17.68 1.18
N ASN A 179 12.53 -17.73 1.21
CA ASN A 179 13.31 -17.44 0.03
C ASN A 179 13.04 -18.40 -1.13
N ASN A 180 12.59 -19.61 -0.82
CA ASN A 180 12.18 -20.52 -1.87
C ASN A 180 10.86 -20.11 -2.48
N ARG A 181 9.95 -19.58 -1.67
CA ARG A 181 8.65 -19.11 -2.17
C ARG A 181 8.76 -17.80 -2.92
N PHE A 182 9.73 -16.98 -2.53
CA PHE A 182 9.79 -15.63 -3.06
C PHE A 182 10.59 -15.55 -4.33
N GLU A 183 11.56 -16.46 -4.49
CA GLU A 183 12.49 -16.39 -5.62
C GLU A 183 11.80 -16.35 -7.00
N PRO A 184 10.82 -17.26 -7.25
CA PRO A 184 10.02 -17.19 -8.48
C PRO A 184 9.28 -15.85 -8.62
N LEU A 185 8.78 -15.30 -7.51
CA LEU A 185 8.04 -14.05 -7.56
C LEU A 185 8.90 -12.87 -8.00
N PHE A 186 10.10 -12.73 -7.42
CA PHE A 186 11.00 -11.66 -7.86
C PHE A 186 11.28 -11.69 -9.35
N GLN A 187 11.45 -12.88 -9.91
CA GLN A 187 11.74 -13.01 -11.35
C GLN A 187 10.46 -12.86 -12.21
N ARG A 188 9.33 -13.29 -11.69
CA ARG A 188 8.05 -13.03 -12.33
C ARG A 188 7.56 -11.56 -12.21
N PHE A 189 7.86 -10.88 -11.11
CA PHE A 189 7.35 -9.50 -10.87
C PHE A 189 8.44 -8.53 -10.42
N PRO A 190 9.44 -8.27 -11.26
CA PRO A 190 10.58 -7.40 -10.88
C PRO A 190 10.20 -5.97 -10.43
N GLN A 191 9.11 -5.43 -10.98
CA GLN A 191 8.59 -4.15 -10.53
C GLN A 191 8.04 -4.20 -9.10
N ALA A 192 7.55 -5.37 -8.68
CA ALA A 192 7.00 -5.55 -7.32
C ALA A 192 8.05 -5.83 -6.26
N ARG A 193 9.32 -5.62 -6.59
CA ARG A 193 10.43 -6.06 -5.73
C ARG A 193 10.40 -5.51 -4.28
N ALA A 194 10.29 -4.19 -4.13
CA ALA A 194 10.22 -3.58 -2.78
C ALA A 194 9.02 -4.11 -1.97
N TYR A 195 7.90 -4.30 -2.66
CA TYR A 195 6.66 -4.77 -2.04
C TYR A 195 6.77 -6.22 -1.60
N LEU A 196 7.34 -7.07 -2.47
CA LEU A 196 7.60 -8.48 -2.11
C LEU A 196 8.59 -8.58 -0.95
N GLU A 197 9.62 -7.75 -0.96
CA GLU A 197 10.55 -7.68 0.18
C GLU A 197 9.84 -7.29 1.48
N ALA A 198 8.90 -6.35 1.38
CA ALA A 198 8.15 -5.93 2.56
C ALA A 198 7.31 -7.11 3.07
N LEU A 199 6.67 -7.85 2.17
CA LEU A 199 5.87 -9.01 2.57
C LEU A 199 6.72 -10.11 3.17
N ARG A 200 7.83 -10.41 2.53
CA ARG A 200 8.75 -11.40 3.08
C ARG A 200 9.19 -11.05 4.52
N ALA A 201 9.66 -9.82 4.74
CA ALA A 201 10.01 -9.34 6.09
C ALA A 201 8.85 -9.49 7.06
N ARG A 202 7.63 -9.19 6.61
CA ARG A 202 6.50 -9.30 7.51
C ARG A 202 6.17 -10.74 7.91
N LEU A 203 6.39 -11.67 6.99
CA LEU A 203 6.15 -13.10 7.30
C LEU A 203 7.25 -13.62 8.23
N ALA A 204 8.47 -13.15 7.99
CA ALA A 204 9.60 -13.41 8.88
C ALA A 204 9.31 -12.90 10.30
N ARG A 205 8.66 -11.74 10.41
CA ARG A 205 8.30 -11.23 11.74
C ARG A 205 7.18 -12.05 12.40
N TYR A 206 6.25 -12.56 11.61
CA TYR A 206 5.27 -13.51 12.17
C TYR A 206 6.00 -14.70 12.79
N ALA A 207 7.06 -15.15 12.15
CA ALA A 207 7.89 -16.22 12.70
C ALA A 207 8.52 -15.84 14.06
N GLU A 208 9.20 -14.69 14.11
CA GLU A 208 9.80 -14.18 15.34
C GLU A 208 8.80 -14.01 16.49
N THR A 209 7.60 -13.57 16.16
CA THR A 209 6.70 -12.90 17.11
C THR A 209 5.39 -13.63 17.36
N GLY A 210 4.90 -14.34 16.36
CA GLY A 210 3.59 -14.96 16.44
C GLY A 210 2.44 -14.02 16.16
N GLU A 211 2.75 -12.75 15.88
CA GLU A 211 1.73 -11.72 15.67
C GLU A 211 1.09 -11.82 14.28
N PRO A 212 -0.20 -12.17 14.22
CA PRO A 212 -0.83 -12.44 12.92
C PRO A 212 -1.02 -11.22 12.03
N LEU A 213 -1.03 -11.47 10.73
CA LEU A 213 -1.21 -10.43 9.71
C LEU A 213 -2.65 -10.16 9.44
N ASP A 214 -2.99 -8.88 9.32
CA ASP A 214 -4.32 -8.52 8.84
C ASP A 214 -4.28 -8.42 7.31
N PRO A 215 -4.96 -9.35 6.62
CA PRO A 215 -4.90 -9.39 5.16
C PRO A 215 -5.14 -7.99 4.57
N ALA A 216 -6.08 -7.25 5.15
CA ALA A 216 -6.45 -5.95 4.63
C ALA A 216 -5.34 -4.88 4.67
N GLN A 217 -4.32 -5.10 5.50
CA GLN A 217 -3.21 -4.17 5.58
C GLN A 217 -2.12 -4.49 4.56
N TRP A 218 -2.15 -5.70 3.98
CA TRP A 218 -1.04 -6.18 3.15
C TRP A 218 -1.33 -6.49 1.71
N ARG A 219 -2.59 -6.54 1.34
CA ARG A 219 -2.99 -6.81 -0.03
C ARG A 219 -2.82 -5.60 -0.91
N PRO A 220 -2.52 -5.84 -2.18
CA PRO A 220 -2.50 -4.76 -3.13
C PRO A 220 -3.93 -4.33 -3.41
N ASN A 221 -4.09 -3.05 -3.72
CA ASN A 221 -5.38 -2.45 -3.92
C ASN A 221 -5.42 -2.15 -5.41
N LEU A 222 -6.12 -2.99 -6.17
CA LEU A 222 -6.20 -2.82 -7.62
C LEU A 222 -7.27 -1.78 -7.82
N LEU A 223 -7.00 -0.80 -8.66
CA LEU A 223 -7.88 0.35 -8.73
C LEU A 223 -8.91 0.27 -9.87
N THR A 224 -8.49 -0.24 -11.03
CA THR A 224 -9.37 -0.45 -12.19
C THR A 224 -9.07 -1.77 -12.84
N SER A 225 -9.98 -2.23 -13.68
CA SER A 225 -9.65 -3.40 -14.47
C SER A 225 -8.58 -3.03 -15.50
N SER A 226 -7.69 -3.98 -15.73
CA SER A 226 -6.71 -3.91 -16.80
C SER A 226 -7.41 -3.62 -18.13
N SER A 227 -6.67 -3.00 -19.04
CA SER A 227 -7.20 -2.57 -20.31
C SER A 227 -6.19 -2.91 -21.40
N SER A 228 -6.69 -3.46 -22.50
CA SER A 228 -5.89 -3.69 -23.69
C SER A 228 -5.57 -2.37 -24.41
N GLY A 229 -6.50 -1.41 -24.33
CA GLY A 229 -6.43 -0.16 -25.10
C GLY A 229 -7.51 -0.06 -26.17
N THR A 230 -8.24 -1.15 -26.35
CA THR A 230 -9.27 -1.20 -27.35
C THR A 230 -10.44 -1.91 -26.72
N PRO A 231 -11.51 -1.18 -26.40
CA PRO A 231 -11.60 0.28 -26.48
C PRO A 231 -10.79 0.93 -25.36
N PRO A 232 -10.53 2.24 -25.45
CA PRO A 232 -9.76 2.91 -24.40
C PRO A 232 -10.53 2.95 -23.09
N PRO A 233 -9.83 3.06 -21.94
CA PRO A 233 -10.52 3.39 -20.68
C PRO A 233 -11.21 4.75 -20.79
N ILE A 234 -12.47 4.81 -20.40
CA ILE A 234 -13.23 6.06 -20.48
C ILE A 234 -14.08 6.24 -19.25
N VAL A 235 -13.92 7.36 -18.58
CA VAL A 235 -14.77 7.66 -17.44
C VAL A 235 -15.51 8.93 -17.70
N TYR A 236 -16.81 8.90 -17.45
CA TYR A 236 -17.61 10.11 -17.49
C TYR A 236 -17.91 10.51 -16.08
N GLU A 237 -17.56 11.74 -15.70
CA GLU A 237 -17.84 12.23 -14.35
C GLU A 237 -18.77 13.42 -14.36
N PRO A 238 -20.08 13.22 -14.09
CA PRO A 238 -21.05 14.36 -14.07
C PRO A 238 -21.00 15.14 -12.76
N TYR A 239 -20.34 14.62 -11.76
CA TYR A 239 -20.45 15.18 -10.43
C TYR A 239 -19.03 15.33 -9.87
N ALA A 240 -18.46 16.53 -10.02
CA ALA A 240 -17.02 16.70 -9.86
C ALA A 240 -16.56 17.11 -8.45
N THR A 241 -16.93 16.33 -7.44
CA THR A 241 -16.37 16.58 -6.13
C THR A 241 -14.92 16.05 -6.04
N ALA A 242 -14.21 16.53 -5.04
CA ALA A 242 -12.81 16.22 -4.82
C ALA A 242 -12.62 14.69 -4.65
N PRO A 243 -13.42 14.06 -3.77
CA PRO A 243 -13.36 12.60 -3.56
C PRO A 243 -13.66 11.80 -4.82
N ARG A 244 -14.56 12.28 -5.66
CA ARG A 244 -14.89 11.51 -6.85
C ARG A 244 -13.86 11.68 -7.95
N LEU A 245 -13.19 12.84 -8.00
CA LEU A 245 -12.09 13.05 -8.94
C LEU A 245 -10.80 12.37 -8.49
N PHE A 246 -10.47 12.50 -7.22
CA PHE A 246 -9.14 12.18 -6.70
C PHE A 246 -9.12 10.91 -5.86
N GLY A 247 -10.28 10.33 -5.62
CA GLY A 247 -10.35 9.20 -4.71
C GLY A 247 -10.35 9.70 -3.28
N ARG A 248 -10.65 8.79 -2.37
CA ARG A 248 -10.67 9.15 -0.97
C ARG A 248 -10.17 8.01 -0.12
N LEU A 249 -9.78 8.38 1.08
CA LEU A 249 -9.45 7.41 2.08
C LEU A 249 -10.63 7.25 3.03
N ASP A 250 -11.14 6.02 3.17
CA ASP A 250 -12.10 5.67 4.21
C ASP A 250 -11.41 5.29 5.51
N TYR A 251 -12.23 5.20 6.57
CA TYR A 251 -11.77 4.86 7.89
C TYR A 251 -12.74 3.87 8.50
N LEU A 252 -12.22 3.02 9.38
CA LEU A 252 -13.04 2.19 10.26
C LEU A 252 -13.03 2.80 11.66
N VAL A 253 -14.23 3.03 12.19
CA VAL A 253 -14.40 3.42 13.59
C VAL A 253 -15.18 2.30 14.27
N ASP A 254 -14.51 1.44 14.98
CA ASP A 254 -15.06 0.34 15.71
C ASP A 254 -14.92 0.66 17.21
N ARG A 255 -16.07 0.79 17.89
CA ARG A 255 -16.18 1.39 19.22
C ARG A 255 -15.76 2.87 19.12
N GLY A 256 -14.76 3.31 19.87
CA GLY A 256 -14.25 4.67 19.65
C GLY A 256 -12.94 4.74 18.84
N VAL A 257 -12.43 3.53 18.43
CA VAL A 257 -11.10 3.44 17.85
C VAL A 257 -11.12 3.67 16.34
N TRP A 258 -10.32 4.64 15.88
CA TRP A 258 -10.16 4.90 14.45
C TRP A 258 -9.05 4.08 13.85
N SER A 259 -9.28 3.55 12.66
CA SER A 259 -8.19 2.91 11.90
C SER A 259 -8.41 2.99 10.39
N THR A 260 -7.32 2.71 9.67
CA THR A 260 -7.35 2.79 8.22
C THR A 260 -6.23 1.95 7.62
N ASN A 261 -6.36 1.58 6.35
CA ASN A 261 -5.36 0.76 5.71
C ASN A 261 -5.46 0.87 4.20
N VAL A 262 -4.50 0.26 3.50
CA VAL A 262 -4.40 0.41 2.06
C VAL A 262 -5.68 -0.01 1.30
N SER A 263 -6.43 -0.97 1.84
CA SER A 263 -7.67 -1.46 1.24
C SER A 263 -8.83 -0.48 1.40
N LEU A 264 -8.63 0.54 2.21
CA LEU A 264 -9.67 1.54 2.45
C LEU A 264 -9.52 2.77 1.56
N ILE A 265 -8.53 2.76 0.69
CA ILE A 265 -8.44 3.79 -0.35
C ILE A 265 -9.45 3.46 -1.45
N ARG A 266 -10.31 4.41 -1.77
CA ARG A 266 -11.38 4.26 -2.77
C ARG A 266 -10.98 5.07 -3.99
N PRO A 267 -10.97 4.42 -5.15
CA PRO A 267 -10.55 5.08 -6.40
C PRO A 267 -11.48 6.18 -6.86
N GLY A 268 -10.91 7.24 -7.40
CA GLY A 268 -11.66 8.24 -8.13
C GLY A 268 -11.42 8.14 -9.64
N ALA A 269 -11.88 9.15 -10.35
CA ALA A 269 -11.82 9.17 -11.80
C ALA A 269 -10.38 9.12 -12.35
N VAL A 270 -9.47 9.82 -11.70
CA VAL A 270 -8.06 9.79 -12.12
C VAL A 270 -7.47 8.37 -12.02
N HIS A 271 -7.97 7.56 -11.09
CA HIS A 271 -7.57 6.16 -11.04
C HIS A 271 -8.22 5.27 -12.08
N ARG A 272 -9.46 5.57 -12.44
CA ARG A 272 -10.20 4.65 -13.31
C ARG A 272 -9.96 5.00 -14.76
N ALA A 273 -9.66 6.27 -15.03
CA ALA A 273 -9.40 6.73 -16.38
C ALA A 273 -7.93 6.61 -16.84
N GLN A 274 -7.04 6.10 -15.97
CA GLN A 274 -5.62 5.90 -16.30
C GLN A 274 -5.41 5.24 -17.69
N GLY A 275 -4.61 5.89 -18.53
CA GLY A 275 -4.33 5.42 -19.88
C GLY A 275 -5.37 5.82 -20.92
N GLY A 276 -6.35 6.62 -20.51
CA GLY A 276 -7.49 6.88 -21.38
C GLY A 276 -8.08 8.27 -21.27
N TYR A 277 -9.41 8.31 -21.19
CA TYR A 277 -10.10 9.59 -21.30
C TYR A 277 -10.97 9.81 -20.13
N LEU A 278 -10.94 11.04 -19.65
CA LEU A 278 -11.82 11.47 -18.59
C LEU A 278 -12.70 12.58 -19.13
N ILE A 279 -14.00 12.28 -19.25
CA ILE A 279 -14.99 13.24 -19.71
C ILE A 279 -15.60 13.85 -18.46
N LEU A 280 -15.59 15.17 -18.40
CA LEU A 280 -15.93 15.86 -17.16
C LEU A 280 -16.97 16.92 -17.48
N ASP A 281 -18.05 16.96 -16.72
CA ASP A 281 -18.99 18.09 -16.82
C ASP A 281 -18.41 19.42 -16.27
N ALA A 282 -18.32 20.43 -17.11
CA ALA A 282 -17.67 21.70 -16.74
C ALA A 282 -18.41 22.47 -15.66
N LEU A 283 -19.74 22.49 -15.77
CA LEU A 283 -20.57 23.22 -14.84
C LEU A 283 -20.35 22.68 -13.42
N SER A 284 -20.41 21.36 -13.31
CA SER A 284 -20.15 20.71 -12.05
C SER A 284 -18.77 21.04 -11.48
N LEU A 285 -17.75 21.15 -12.34
CA LEU A 285 -16.40 21.50 -11.87
C LEU A 285 -16.45 22.87 -11.19
N LYS A 286 -17.16 23.82 -11.80
CA LYS A 286 -17.35 25.16 -11.19
C LYS A 286 -18.16 25.12 -9.89
N ARG A 287 -19.35 24.53 -9.95
CA ARG A 287 -20.17 24.47 -8.75
C ARG A 287 -19.38 23.93 -7.57
N GLU A 288 -18.70 22.81 -7.77
CA GLU A 288 -18.01 22.18 -6.65
C GLU A 288 -16.75 22.98 -6.26
N GLY A 289 -16.12 22.60 -5.19
CA GLY A 289 -14.90 23.36 -4.90
C GLY A 289 -13.75 23.35 -5.93
N THR A 290 -13.87 22.63 -7.06
CA THR A 290 -12.73 21.79 -7.51
C THR A 290 -11.77 22.24 -8.61
N TRP A 291 -12.12 23.30 -9.31
CA TRP A 291 -11.25 23.87 -10.32
C TRP A 291 -9.82 24.09 -9.90
N GLU A 292 -9.63 24.71 -8.73
CA GLU A 292 -8.30 25.06 -8.25
C GLU A 292 -7.45 23.81 -8.01
N ALA A 293 -8.00 22.86 -7.25
CA ALA A 293 -7.36 21.56 -7.04
C ALA A 293 -7.13 20.73 -8.34
N PHE A 294 -8.05 20.82 -9.29
CA PHE A 294 -7.91 20.14 -10.57
C PHE A 294 -6.75 20.71 -11.38
N LYS A 295 -6.66 22.04 -11.40
CA LYS A 295 -5.57 22.80 -12.02
C LYS A 295 -4.22 22.32 -11.47
N ARG A 296 -4.11 22.37 -10.15
CA ARG A 296 -2.93 21.94 -9.45
C ARG A 296 -2.57 20.49 -9.87
N ALA A 297 -3.53 19.57 -9.77
CA ALA A 297 -3.29 18.17 -10.18
C ALA A 297 -2.70 18.03 -11.59
N LEU A 298 -3.31 18.69 -12.55
CA LEU A 298 -2.79 18.67 -13.91
C LEU A 298 -1.39 19.27 -14.02
N ARG A 299 -1.16 20.39 -13.33
CA ARG A 299 0.12 21.08 -13.42
C ARG A 299 1.20 20.18 -12.82
N ASN A 300 0.94 19.62 -11.63
CA ASN A 300 1.89 18.70 -10.97
C ASN A 300 2.07 17.29 -11.57
N GLY A 301 1.15 16.84 -12.44
CA GLY A 301 1.14 15.46 -12.95
C GLY A 301 0.72 14.36 -11.96
N GLN A 302 0.22 14.73 -10.79
CA GLN A 302 -0.05 13.74 -9.75
C GLN A 302 -1.07 14.26 -8.77
N VAL A 303 -1.73 13.37 -8.03
CA VAL A 303 -2.57 13.82 -6.91
C VAL A 303 -2.74 12.74 -5.85
N GLU A 304 -3.08 13.18 -4.65
CA GLU A 304 -3.33 12.31 -3.53
C GLU A 304 -4.83 12.14 -3.29
N PRO A 305 -5.24 11.03 -2.69
CA PRO A 305 -6.64 10.91 -2.34
C PRO A 305 -7.03 11.78 -1.17
N VAL A 306 -8.30 12.15 -1.15
CA VAL A 306 -8.84 13.03 -0.13
C VAL A 306 -8.91 12.29 1.21
N THR A 307 -8.47 12.96 2.26
CA THR A 307 -8.57 12.44 3.61
C THR A 307 -9.50 13.34 4.42
N GLU A 308 -9.96 12.83 5.56
CA GLU A 308 -10.69 13.69 6.51
C GLU A 308 -9.66 14.41 7.37
N PRO A 309 -9.51 15.73 7.18
CA PRO A 309 -8.51 16.41 8.02
C PRO A 309 -8.94 16.29 9.47
N GLN A 310 -7.98 16.07 10.36
CA GLN A 310 -8.28 15.89 11.79
C GLN A 310 -9.05 14.57 12.10
N ALA A 311 -8.71 13.51 11.38
CA ALA A 311 -9.02 12.14 11.82
C ALA A 311 -7.82 11.62 12.63
N PRO A 312 -8.07 10.87 13.71
CA PRO A 312 -6.97 10.37 14.56
C PRO A 312 -6.28 9.10 14.02
N ALA A 313 -6.25 8.95 12.69
CA ALA A 313 -5.63 7.81 12.01
C ALA A 313 -5.29 8.25 10.60
N GLY A 314 -4.26 7.67 10.00
CA GLY A 314 -3.77 8.13 8.71
C GLY A 314 -2.78 7.22 7.99
N LEU A 315 -2.49 7.57 6.75
CA LEU A 315 -1.60 6.77 5.91
C LEU A 315 -0.66 7.69 5.21
N GLU A 316 0.54 7.20 4.94
CA GLU A 316 1.46 7.95 4.10
C GLU A 316 1.29 7.43 2.67
N VAL A 317 0.65 8.22 1.83
CA VAL A 317 0.24 7.74 0.49
C VAL A 317 1.00 8.44 -0.60
N GLU A 318 1.73 7.67 -1.39
CA GLU A 318 2.38 8.22 -2.55
C GLU A 318 1.36 8.85 -3.53
N PRO A 319 1.65 10.07 -4.03
CA PRO A 319 0.77 10.74 -5.01
C PRO A 319 0.61 9.92 -6.26
N PHE A 320 -0.59 9.92 -6.81
CA PHE A 320 -0.88 9.05 -7.95
C PHE A 320 -0.71 9.85 -9.21
N PRO A 321 0.04 9.31 -10.20
CA PRO A 321 0.32 10.09 -11.43
C PRO A 321 -0.90 10.24 -12.30
N ILE A 322 -1.00 11.39 -12.96
CA ILE A 322 -2.07 11.64 -13.88
C ILE A 322 -1.62 11.28 -15.28
N GLN A 323 -2.41 10.40 -15.89
CA GLN A 323 -2.05 9.80 -17.14
C GLN A 323 -3.32 9.56 -17.92
N MSE A 324 -4.02 10.64 -18.18
CA MSE A 324 -5.23 10.55 -18.94
C MSE A 324 -5.36 11.82 -19.70
O MSE A 324 -4.65 12.80 -19.44
CB MSE A 324 -6.40 10.30 -18.00
CG MSE A 324 -7.09 11.59 -17.61
SE MSE A 324 -7.03 11.62 -15.65
CE MSE A 324 -8.89 11.43 -15.09
N GLN A 325 -6.27 11.80 -20.65
CA GLN A 325 -6.56 12.97 -21.40
C GLN A 325 -7.98 13.43 -20.99
N VAL A 326 -8.11 14.70 -20.65
CA VAL A 326 -9.36 15.25 -20.12
C VAL A 326 -10.18 16.00 -21.18
N MSE A 327 -11.47 15.67 -21.28
CA MSE A 327 -12.39 16.39 -22.18
C MSE A 327 -13.49 17.03 -21.37
O MSE A 327 -14.33 16.36 -20.76
CB MSE A 327 -12.99 15.40 -23.20
CG MSE A 327 -12.02 14.30 -23.58
SE MSE A 327 -10.82 14.89 -25.04
CE MSE A 327 -12.25 14.70 -26.36
N LEU A 328 -13.50 18.36 -21.30
CA LEU A 328 -14.54 19.09 -20.59
C LEU A 328 -15.76 19.26 -21.48
N VAL A 329 -16.95 19.04 -20.92
CA VAL A 329 -18.19 19.15 -21.69
C VAL A 329 -19.08 20.22 -21.09
N GLY A 330 -19.69 21.02 -21.95
CA GLY A 330 -20.53 22.10 -21.50
C GLY A 330 -21.13 22.92 -22.62
N THR A 331 -21.87 23.94 -22.19
CA THR A 331 -22.47 24.94 -23.07
C THR A 331 -21.55 26.16 -23.00
N PRO A 332 -21.61 27.05 -24.01
CA PRO A 332 -20.84 28.30 -23.98
C PRO A 332 -20.92 29.00 -22.62
N GLU A 333 -22.15 29.14 -22.11
CA GLU A 333 -22.41 29.75 -20.81
C GLU A 333 -21.62 29.07 -19.68
N ALA A 334 -21.66 27.74 -19.64
CA ALA A 334 -20.90 26.95 -18.69
C ALA A 334 -19.38 27.24 -18.71
N PHE A 335 -18.84 27.63 -19.86
CA PHE A 335 -17.39 27.85 -19.96
C PHE A 335 -16.94 29.25 -19.56
N GLU A 336 -17.87 30.21 -19.62
CA GLU A 336 -17.50 31.63 -19.45
C GLU A 336 -16.73 31.94 -18.16
N GLY A 337 -17.16 31.37 -17.04
CA GLY A 337 -16.42 31.47 -15.78
C GLY A 337 -15.00 30.89 -15.85
N LEU A 338 -14.85 29.79 -16.58
CA LEU A 338 -13.55 29.14 -16.78
C LEU A 338 -12.68 29.90 -17.78
N GLU A 339 -13.31 30.38 -18.85
CA GLU A 339 -12.59 31.01 -19.96
C GLU A 339 -11.84 32.26 -19.54
N GLU A 340 -12.31 32.91 -18.48
CA GLU A 340 -11.66 34.14 -17.99
C GLU A 340 -10.44 33.88 -17.08
N ASP A 341 -10.05 32.62 -16.93
CA ASP A 341 -8.81 32.28 -16.21
C ASP A 341 -7.70 31.95 -17.23
N PRO A 342 -6.55 32.66 -17.15
CA PRO A 342 -5.45 32.45 -18.10
C PRO A 342 -4.93 31.01 -18.09
N ALA A 343 -5.00 30.34 -16.96
CA ALA A 343 -4.58 28.94 -16.89
C ALA A 343 -5.52 28.01 -17.69
N PHE A 344 -6.73 28.47 -18.01
CA PHE A 344 -7.70 27.60 -18.67
C PHE A 344 -7.19 27.14 -20.00
N SER A 345 -6.84 28.11 -20.85
CA SER A 345 -6.45 27.79 -22.22
C SER A 345 -5.03 27.23 -22.27
N GLU A 346 -4.21 27.54 -21.27
CA GLU A 346 -2.91 26.89 -21.15
C GLU A 346 -3.05 25.36 -21.00
N LEU A 347 -4.06 24.92 -20.27
CA LEU A 347 -4.28 23.50 -20.04
C LEU A 347 -5.17 22.86 -21.08
N PHE A 348 -6.16 23.62 -21.55
CA PHE A 348 -7.14 23.13 -22.51
C PHE A 348 -6.93 23.84 -23.83
N ARG A 349 -5.95 23.36 -24.60
CA ARG A 349 -5.49 24.04 -25.80
C ARG A 349 -6.53 23.98 -26.90
N ILE A 350 -7.33 22.93 -26.94
CA ILE A 350 -8.21 22.70 -28.07
C ILE A 350 -9.65 22.88 -27.65
N ARG A 351 -10.38 23.63 -28.45
CA ARG A 351 -11.79 23.83 -28.30
C ARG A 351 -12.51 23.19 -29.48
N ALA A 352 -13.57 22.45 -29.19
CA ALA A 352 -14.31 21.69 -30.21
C ALA A 352 -15.80 21.99 -30.09
N GLU A 353 -16.53 21.89 -31.20
CA GLU A 353 -17.93 22.32 -31.26
C GLU A 353 -18.94 21.19 -31.45
N PHE A 354 -20.19 21.48 -31.08
CA PHE A 354 -21.37 20.65 -31.37
C PHE A 354 -21.23 19.18 -30.99
S SO4 B . -24.50 16.69 -21.30
O1 SO4 B . -23.27 15.90 -21.62
O2 SO4 B . -24.15 17.80 -20.41
O3 SO4 B . -25.14 17.24 -22.53
O4 SO4 B . -25.49 15.78 -20.67
S SO4 C . -13.47 -0.11 -13.12
O1 SO4 C . -12.56 -1.12 -13.70
O2 SO4 C . -12.75 1.11 -12.76
O3 SO4 C . -14.50 0.28 -14.11
O4 SO4 C . -14.09 -0.70 -11.91
#